data_7Z99
#
_entry.id   7Z99
#
_cell.length_a   93.468
_cell.length_b   93.468
_cell.length_c   110.316
_cell.angle_alpha   90.000
_cell.angle_beta   90.000
_cell.angle_gamma   120.000
#
_symmetry.space_group_name_H-M   'P 32 2 1'
#
loop_
_entity.id
_entity.type
_entity.pdbx_description
1 polymer 'Putative dehydrogenase/oxygenase subunit (Flavoprotein)'
2 non-polymer 'FLAVIN-ADENINE DINUCLEOTIDE'
3 non-polymer [(S)-methylsulfinyl]benzene
4 water water
#
_entity_poly.entity_id   1
_entity_poly.type   'polypeptide(L)'
_entity_poly.pdbx_seq_one_letter_code
;MGHHHHHHHHHHSSGHIEGRHMKRIAIVGAGQSGLQLGLGLLAAGYEVTMFSNRTGEDIRRGKVMSSQCMFDTSLQIERD
LGLDHWASDCPTVDGIGLAVPHPEQKGAKVIDWAARLNASAQSVDQRLKIPAWMDEFQKKGGELVFKDAGIDELEACTQS
HDLTLVASGKGEISKLFERDAHKSPYDKPQRALALTYVKGMAPREPFSAVCMNLIPGVGEYFVFPALTTTGPCEIMVFEG
VPGGPMDCWADVKTPEEHLARSKWILDTFTPWEAERCKDIELTDDNGILAGRFAPTVRKPVATLPSGRKVLGLADVVVLN
DPITGQGSNNAAKCADTYLKSILARGDGAADAAWMQQTFDRYWFGYAQWVTQWTNMLLAPPPPHVLNLLGSAGAVPPLAS
AFANGFDDPRTFFPWFADAAESERYIATCAAVA
;
_entity_poly.pdbx_strand_id   A
#
# COMPACT_ATOMS: atom_id res chain seq x y z
N LYS A 23 22.34 -2.84 20.82
CA LYS A 23 22.14 -1.41 20.57
C LYS A 23 22.49 -0.95 19.15
N ARG A 24 23.07 -1.84 18.33
CA ARG A 24 23.43 -1.53 16.96
C ARG A 24 22.51 -2.33 16.04
N ILE A 25 21.76 -1.63 15.21
CA ILE A 25 20.80 -2.25 14.29
C ILE A 25 21.16 -1.83 12.87
N ALA A 26 21.15 -2.79 11.95
CA ALA A 26 21.37 -2.57 10.52
C ALA A 26 20.06 -2.83 9.79
N ILE A 27 19.77 -1.99 8.79
CA ILE A 27 18.57 -2.12 7.95
C ILE A 27 19.04 -1.98 6.51
N VAL A 28 18.74 -2.96 5.68
CA VAL A 28 19.03 -2.92 4.25
C VAL A 28 17.75 -2.56 3.50
N GLY A 29 17.75 -1.38 2.90
CA GLY A 29 16.57 -0.91 2.19
C GLY A 29 16.02 0.36 2.78
N ALA A 30 16.23 1.47 2.09
CA ALA A 30 15.76 2.76 2.60
C ALA A 30 14.38 3.08 2.01
N GLY A 31 13.39 2.37 2.52
CA GLY A 31 12.01 2.57 2.11
C GLY A 31 11.10 3.03 3.23
N GLN A 32 9.78 2.95 3.02
CA GLN A 32 8.86 3.44 4.04
C GLN A 32 9.06 2.71 5.37
N SER A 33 8.99 1.38 5.38
CA SER A 33 9.09 0.67 6.66
C SER A 33 10.49 0.79 7.24
N GLY A 34 11.51 0.68 6.38
CA GLY A 34 12.89 0.71 6.86
C GLY A 34 13.23 2.02 7.52
N LEU A 35 12.84 3.13 6.90
CA LEU A 35 13.18 4.45 7.42
C LEU A 35 12.33 4.78 8.64
N GLN A 36 11.05 4.41 8.63
CA GLN A 36 10.23 4.64 9.82
C GLN A 36 10.82 3.93 11.02
N LEU A 37 11.19 2.65 10.83
CA LEU A 37 11.80 1.87 11.88
C LEU A 37 13.13 2.49 12.33
N GLY A 38 13.98 2.84 11.35
CA GLY A 38 15.28 3.40 11.66
C GLY A 38 15.17 4.66 12.50
N LEU A 39 14.27 5.56 12.09
CA LEU A 39 14.02 6.82 12.82
C LEU A 39 13.48 6.57 14.23
N GLY A 40 12.55 5.64 14.39
CA GLY A 40 12.11 5.28 15.73
C GLY A 40 13.25 4.74 16.58
N LEU A 41 14.12 3.92 15.98
CA LEU A 41 15.21 3.33 16.74
C LEU A 41 16.20 4.40 17.19
N LEU A 42 16.50 5.36 16.32
CA LEU A 42 17.40 6.45 16.68
C LEU A 42 16.83 7.26 17.84
N ALA A 43 15.53 7.56 17.79
CA ALA A 43 14.89 8.31 18.86
C ALA A 43 14.92 7.55 20.20
N ALA A 44 14.95 6.22 20.15
CA ALA A 44 15.06 5.40 21.35
C ALA A 44 16.51 5.19 21.79
N GLY A 45 17.48 5.78 21.08
CA GLY A 45 18.85 5.73 21.49
C GLY A 45 19.67 4.61 20.89
N TYR A 46 19.17 3.95 19.84
CA TYR A 46 19.94 2.93 19.15
C TYR A 46 20.88 3.55 18.12
N GLU A 47 21.91 2.78 17.75
CA GLU A 47 22.77 3.07 16.61
C GLU A 47 22.19 2.33 15.43
N VAL A 48 21.99 3.03 14.31
CA VAL A 48 21.35 2.43 13.16
C VAL A 48 22.23 2.62 11.92
N THR A 49 22.51 1.54 11.23
CA THR A 49 23.14 1.57 9.92
C THR A 49 22.08 1.22 8.88
N MET A 50 21.98 2.02 7.83
CA MET A 50 21.02 1.78 6.77
C MET A 50 21.71 1.79 5.40
N PHE A 51 21.37 0.81 4.58
CA PHE A 51 21.89 0.70 3.22
C PHE A 51 20.83 1.20 2.25
N SER A 52 21.21 2.12 1.37
CA SER A 52 20.34 2.58 0.29
C SER A 52 21.01 2.34 -1.06
N ASN A 53 20.22 1.86 -2.02
CA ASN A 53 20.69 1.67 -3.38
C ASN A 53 20.40 2.87 -4.29
N ARG A 54 19.90 3.97 -3.75
CA ARG A 54 19.69 5.17 -4.54
C ARG A 54 19.94 6.40 -3.69
N THR A 55 20.28 7.51 -4.35
CA THR A 55 20.40 8.78 -3.64
C THR A 55 19.02 9.41 -3.42
N GLY A 56 18.92 10.27 -2.42
CA GLY A 56 17.65 10.93 -2.15
C GLY A 56 17.13 11.67 -3.35
N GLU A 57 18.00 12.42 -4.03
CA GLU A 57 17.55 13.21 -5.15
C GLU A 57 17.09 12.33 -6.32
N ASP A 58 17.78 11.24 -6.60
CA ASP A 58 17.33 10.37 -7.68
C ASP A 58 15.98 9.76 -7.36
N ILE A 59 15.68 9.53 -6.08
CA ILE A 59 14.36 9.04 -5.70
C ILE A 59 13.32 10.14 -5.92
N ARG A 60 13.67 11.39 -5.55
CA ARG A 60 12.74 12.49 -5.72
C ARG A 60 12.35 12.69 -7.17
N ARG A 61 13.32 12.55 -8.08
CA ARG A 61 13.10 12.86 -9.50
C ARG A 61 12.90 11.62 -10.37
N GLY A 62 12.92 10.43 -9.79
CA GLY A 62 12.71 9.22 -10.53
C GLY A 62 11.24 8.87 -10.65
N LYS A 63 10.97 7.64 -11.05
CA LYS A 63 9.59 7.22 -11.28
C LYS A 63 8.85 7.09 -9.95
N VAL A 64 7.54 7.33 -10.01
CA VAL A 64 6.68 7.09 -8.85
C VAL A 64 6.74 5.61 -8.53
N MET A 65 6.48 5.26 -7.27
CA MET A 65 6.56 3.89 -6.81
C MET A 65 5.26 3.33 -6.28
N SER A 66 4.25 4.17 -6.05
CA SER A 66 3.08 3.80 -5.27
C SER A 66 2.02 4.86 -5.47
N SER A 67 0.80 4.53 -5.04
CA SER A 67 -0.23 5.54 -4.82
C SER A 67 -0.45 5.79 -3.33
N GLN A 68 0.25 5.03 -2.48
CA GLN A 68 0.42 5.21 -1.04
C GLN A 68 -0.69 5.95 -0.26
N CYS A 69 -1.94 5.51 -0.44
CA CYS A 69 -3.04 6.01 0.37
C CYS A 69 -2.99 5.43 1.79
N MET A 70 -2.67 6.26 2.78
CA MET A 70 -2.52 5.84 4.17
C MET A 70 -3.71 6.31 4.99
N PHE A 71 -4.34 5.37 5.65
CA PHE A 71 -5.53 5.64 6.47
C PHE A 71 -5.10 6.06 7.87
N ASP A 72 -6.09 6.52 8.65
CA ASP A 72 -5.78 7.27 9.88
C ASP A 72 -4.88 6.50 10.85
N THR A 73 -5.11 5.21 11.05
CA THR A 73 -4.29 4.50 12.02
C THR A 73 -2.82 4.53 11.62
N SER A 74 -2.52 4.29 10.33
CA SER A 74 -1.15 4.38 9.83
C SER A 74 -0.60 5.79 9.95
N LEU A 75 -1.41 6.78 9.59
CA LEU A 75 -0.97 8.16 9.70
C LEU A 75 -0.63 8.48 11.16
N GLN A 76 -1.41 7.94 12.10
CA GLN A 76 -1.16 8.26 13.50
C GLN A 76 0.18 7.69 13.97
N ILE A 77 0.56 6.51 13.46
CA ILE A 77 1.88 5.95 13.78
C ILE A 77 2.97 6.94 13.38
N GLU A 78 2.81 7.58 12.22
CA GLU A 78 3.80 8.55 11.80
C GLU A 78 3.75 9.78 12.68
N ARG A 79 2.54 10.26 12.99
CA ARG A 79 2.37 11.41 13.87
C ARG A 79 3.08 11.19 15.19
N ASP A 80 2.94 9.98 15.74
CA ASP A 80 3.47 9.70 17.07
C ASP A 80 5.00 9.63 17.06
N LEU A 81 5.63 9.41 15.91
CA LEU A 81 7.07 9.51 15.77
C LEU A 81 7.51 10.91 15.35
N GLY A 82 6.56 11.81 15.17
CA GLY A 82 6.88 13.16 14.72
C GLY A 82 7.27 13.23 13.27
N LEU A 83 6.81 12.29 12.46
CA LEU A 83 7.25 12.17 11.07
C LEU A 83 6.20 12.60 10.05
N ASP A 84 5.12 13.22 10.49
CA ASP A 84 4.05 13.66 9.60
C ASP A 84 4.37 15.06 9.06
N HIS A 85 5.44 15.13 8.27
CA HIS A 85 5.96 16.42 7.84
C HIS A 85 5.12 17.07 6.75
N TRP A 86 4.17 16.33 6.15
CA TRP A 86 3.37 16.86 5.05
C TRP A 86 1.90 16.98 5.42
N ALA A 87 1.58 16.81 6.69
CA ALA A 87 0.19 16.75 7.15
C ALA A 87 -0.61 17.94 6.69
N SER A 88 -0.04 19.13 6.81
CA SER A 88 -0.74 20.36 6.45
C SER A 88 -0.82 20.56 4.94
N ASP A 89 0.23 20.23 4.19
CA ASP A 89 0.23 20.47 2.75
C ASP A 89 -0.43 19.34 1.94
N CYS A 90 -0.59 18.17 2.49
CA CYS A 90 -1.15 17.10 1.67
C CYS A 90 -2.68 17.16 1.68
N PRO A 91 -3.33 17.16 0.53
CA PRO A 91 -4.79 17.11 0.54
C PRO A 91 -5.30 15.91 1.32
N THR A 92 -6.41 16.09 2.01
CA THR A 92 -7.00 14.98 2.73
C THR A 92 -7.92 14.20 1.81
N VAL A 93 -7.99 12.90 2.05
CA VAL A 93 -8.94 11.99 1.42
C VAL A 93 -10.00 11.66 2.46
N ASP A 94 -11.24 12.05 2.21
CA ASP A 94 -12.19 12.08 3.31
C ASP A 94 -13.29 11.06 3.21
N GLY A 95 -13.23 10.18 2.23
CA GLY A 95 -14.21 9.13 2.15
C GLY A 95 -13.79 8.09 1.13
N ILE A 96 -14.70 7.17 0.88
CA ILE A 96 -14.55 6.13 -0.12
C ILE A 96 -15.81 6.18 -0.94
N GLY A 97 -15.67 6.04 -2.26
CA GLY A 97 -16.80 5.91 -3.15
C GLY A 97 -16.68 4.64 -3.98
N LEU A 98 -17.83 4.07 -4.31
CA LEU A 98 -17.88 2.86 -5.10
C LEU A 98 -18.89 3.04 -6.23
N ALA A 99 -18.45 2.81 -7.45
CA ALA A 99 -19.28 2.85 -8.65
C ALA A 99 -19.08 1.59 -9.49
N VAL A 100 -20.18 1.11 -10.07
CA VAL A 100 -20.19 -0.03 -11.00
C VAL A 100 -21.04 0.34 -12.22
N PRO A 101 -20.52 0.16 -13.44
CA PRO A 101 -21.30 0.53 -14.63
C PRO A 101 -22.61 -0.24 -14.73
N HIS A 102 -23.62 0.42 -15.25
CA HIS A 102 -24.88 -0.26 -15.50
C HIS A 102 -24.74 -1.09 -16.76
N PRO A 103 -25.03 -2.39 -16.71
CA PRO A 103 -24.91 -3.19 -17.95
C PRO A 103 -25.96 -2.82 -18.99
N GLU A 104 -27.15 -2.34 -18.57
CA GLU A 104 -28.25 -2.07 -19.48
C GLU A 104 -28.54 -0.58 -19.72
N GLN A 105 -27.76 0.32 -19.14
CA GLN A 105 -27.96 1.77 -19.34
C GLN A 105 -26.62 2.38 -19.73
N LYS A 106 -26.58 3.00 -20.91
CA LYS A 106 -25.32 3.47 -21.48
C LYS A 106 -24.75 4.62 -20.66
N GLY A 107 -23.47 4.48 -20.26
CA GLY A 107 -22.79 5.55 -19.54
C GLY A 107 -23.32 5.83 -18.15
N ALA A 108 -24.12 4.93 -17.60
CA ALA A 108 -24.70 5.09 -16.28
C ALA A 108 -24.11 4.06 -15.32
N LYS A 109 -24.43 4.23 -14.04
CA LYS A 109 -23.98 3.33 -12.98
C LYS A 109 -25.18 2.65 -12.35
N VAL A 110 -25.04 1.34 -12.13
CA VAL A 110 -26.04 0.60 -11.37
C VAL A 110 -25.78 0.65 -9.87
N ILE A 111 -24.55 0.91 -9.46
CA ILE A 111 -24.18 1.14 -8.07
C ILE A 111 -23.37 2.41 -8.07
N ASP A 112 -23.66 3.32 -7.14
CA ASP A 112 -22.93 4.58 -7.06
C ASP A 112 -23.19 5.13 -5.67
N TRP A 113 -22.27 4.90 -4.73
CA TRP A 113 -22.44 5.39 -3.37
C TRP A 113 -21.09 5.85 -2.83
N ALA A 114 -21.17 6.51 -1.67
CA ALA A 114 -20.00 7.03 -0.99
C ALA A 114 -20.27 7.04 0.51
N ALA A 115 -19.19 7.07 1.28
CA ALA A 115 -19.26 7.10 2.74
C ALA A 115 -18.02 7.82 3.21
N ARG A 116 -18.18 8.62 4.25
CA ARG A 116 -17.06 9.37 4.79
C ARG A 116 -16.22 8.47 5.66
N LEU A 117 -14.91 8.70 5.64
CA LEU A 117 -14.01 8.06 6.59
C LEU A 117 -14.14 8.77 7.93
N ASN A 118 -14.03 8.03 9.03
CA ASN A 118 -14.17 8.69 10.33
C ASN A 118 -13.02 9.66 10.60
N ALA A 119 -11.86 9.38 10.02
CA ALA A 119 -10.73 10.32 10.02
C ALA A 119 -10.05 10.24 8.65
N SER A 120 -9.46 11.38 8.25
CA SER A 120 -8.86 11.53 6.93
C SER A 120 -7.76 10.53 6.63
N ALA A 121 -7.69 10.11 5.38
CA ALA A 121 -6.54 9.46 4.79
C ALA A 121 -5.70 10.49 4.02
N GLN A 122 -4.44 10.14 3.77
CA GLN A 122 -3.53 11.00 3.03
C GLN A 122 -2.56 10.18 2.20
N SER A 123 -2.24 10.69 1.01
CA SER A 123 -1.26 10.07 0.11
C SER A 123 -0.10 11.02 -0.14
N VAL A 124 1.00 10.82 0.56
CA VAL A 124 2.22 11.61 0.40
C VAL A 124 3.17 10.78 -0.45
N ASP A 125 3.42 11.25 -1.69
CA ASP A 125 4.30 10.55 -2.64
C ASP A 125 5.57 10.07 -1.94
N GLN A 126 5.90 8.80 -2.15
CA GLN A 126 7.16 8.31 -1.61
C GLN A 126 8.36 9.06 -2.17
N ARG A 127 8.23 9.67 -3.36
CA ARG A 127 9.34 10.47 -3.88
C ARG A 127 9.68 11.63 -2.99
N LEU A 128 8.69 12.14 -2.25
CA LEU A 128 8.88 13.19 -1.26
C LEU A 128 9.29 12.63 0.09
N LYS A 129 8.52 11.64 0.57
CA LYS A 129 8.69 11.18 1.94
C LYS A 129 10.01 10.47 2.16
N ILE A 130 10.31 9.44 1.33
CA ILE A 130 11.50 8.64 1.55
C ILE A 130 12.78 9.51 1.55
N PRO A 131 12.97 10.41 0.59
CA PRO A 131 14.24 11.18 0.64
C PRO A 131 14.33 12.11 1.83
N ALA A 132 13.22 12.73 2.22
CA ALA A 132 13.22 13.59 3.40
C ALA A 132 13.45 12.77 4.67
N TRP A 133 12.88 11.58 4.74
CA TRP A 133 13.17 10.73 5.88
C TRP A 133 14.63 10.26 5.87
N MET A 134 15.22 10.04 4.69
CA MET A 134 16.66 9.76 4.62
C MET A 134 17.48 10.91 5.17
N ASP A 135 17.11 12.15 4.82
CA ASP A 135 17.81 13.31 5.37
C ASP A 135 17.64 13.35 6.89
N GLU A 136 16.42 13.14 7.37
CA GLU A 136 16.20 13.19 8.81
C GLU A 136 17.01 12.11 9.51
N PHE A 137 17.07 10.90 8.94
CA PHE A 137 17.85 9.80 9.49
C PHE A 137 19.31 10.18 9.67
N GLN A 138 19.92 10.86 8.69
CA GLN A 138 21.31 11.30 8.85
C GLN A 138 21.45 12.38 9.90
N LYS A 139 20.54 13.33 9.89
CA LYS A 139 20.58 14.43 10.85
C LYS A 139 20.39 13.92 12.27
N LYS A 140 19.67 12.82 12.44
CA LYS A 140 19.44 12.27 13.76
C LYS A 140 20.52 11.27 14.17
N GLY A 141 21.59 11.14 13.41
CA GLY A 141 22.72 10.32 13.79
C GLY A 141 22.79 8.95 13.15
N GLY A 142 21.91 8.64 12.22
CA GLY A 142 22.00 7.38 11.54
C GLY A 142 23.14 7.35 10.55
N GLU A 143 23.66 6.15 10.30
CA GLU A 143 24.76 5.93 9.37
C GLU A 143 24.18 5.39 8.07
N LEU A 144 24.14 6.24 7.07
CA LEU A 144 23.58 5.88 5.78
C LEU A 144 24.72 5.47 4.86
N VAL A 145 24.66 4.24 4.35
CA VAL A 145 25.68 3.66 3.50
C VAL A 145 25.08 3.43 2.12
N PHE A 146 25.73 3.95 1.09
CA PHE A 146 25.18 3.85 -0.26
C PHE A 146 25.81 2.69 -1.00
N LYS A 147 24.99 1.68 -1.28
CA LYS A 147 25.41 0.52 -2.05
C LYS A 147 24.19 -0.36 -2.31
N ASP A 148 24.18 -0.99 -3.47
CA ASP A 148 23.25 -2.07 -3.79
C ASP A 148 23.69 -3.29 -2.97
N ALA A 149 23.05 -3.48 -1.82
CA ALA A 149 23.48 -4.50 -0.89
C ALA A 149 23.14 -5.90 -1.38
N GLY A 150 24.04 -6.83 -1.11
CA GLY A 150 23.84 -8.23 -1.42
C GLY A 150 24.23 -9.07 -0.23
N ILE A 151 24.35 -10.38 -0.47
CA ILE A 151 24.69 -11.31 0.61
C ILE A 151 25.95 -10.89 1.33
N ASP A 152 26.91 -10.28 0.63
CA ASP A 152 28.13 -9.90 1.31
C ASP A 152 27.88 -8.84 2.37
N GLU A 153 27.03 -7.86 2.04
CA GLU A 153 26.75 -6.81 3.02
C GLU A 153 25.98 -7.38 4.20
N LEU A 154 25.11 -8.35 3.95
CA LEU A 154 24.35 -8.97 5.01
C LEU A 154 25.28 -9.73 5.95
N GLU A 155 26.26 -10.45 5.38
CA GLU A 155 27.24 -11.14 6.21
C GLU A 155 28.02 -10.14 7.07
N ALA A 156 28.45 -9.02 6.49
CA ALA A 156 29.18 -8.02 7.25
C ALA A 156 28.33 -7.43 8.35
N CYS A 157 27.08 -7.04 8.00
CA CYS A 157 26.18 -6.45 8.98
C CYS A 157 25.91 -7.40 10.13
N THR A 158 25.65 -8.69 9.85
CA THR A 158 25.33 -9.60 10.95
C THR A 158 26.51 -9.83 11.90
N GLN A 159 27.75 -9.50 11.49
CA GLN A 159 28.89 -9.60 12.41
C GLN A 159 29.08 -8.35 13.25
N SER A 160 28.68 -7.18 12.77
CA SER A 160 28.90 -5.94 13.49
C SER A 160 27.64 -5.35 14.11
N HIS A 161 26.50 -6.02 14.01
CA HIS A 161 25.28 -5.46 14.58
C HIS A 161 24.52 -6.55 15.33
N ASP A 162 23.75 -6.12 16.33
CA ASP A 162 22.94 -7.05 17.11
C ASP A 162 21.75 -7.59 16.33
N LEU A 163 21.24 -6.82 15.36
CA LEU A 163 20.12 -7.27 14.54
C LEU A 163 20.25 -6.63 13.16
N THR A 164 20.02 -7.41 12.12
CA THR A 164 20.03 -6.94 10.74
C THR A 164 18.68 -7.28 10.12
N LEU A 165 17.98 -6.27 9.61
CA LEU A 165 16.70 -6.43 8.93
C LEU A 165 16.85 -6.12 7.45
N VAL A 166 16.05 -6.80 6.64
CA VAL A 166 15.99 -6.54 5.20
C VAL A 166 14.63 -5.91 4.92
N ALA A 167 14.66 -4.69 4.42
CA ALA A 167 13.49 -3.86 4.21
C ALA A 167 13.44 -3.37 2.78
N SER A 168 13.77 -4.26 1.85
CA SER A 168 14.10 -3.93 0.46
C SER A 168 12.92 -4.01 -0.48
N GLY A 169 11.71 -4.13 0.06
CA GLY A 169 10.49 -4.08 -0.75
C GLY A 169 10.47 -5.18 -1.80
N LYS A 170 10.30 -4.75 -3.05
CA LYS A 170 10.24 -5.64 -4.21
C LYS A 170 11.61 -5.87 -4.84
N GLY A 171 12.67 -5.43 -4.16
CA GLY A 171 14.02 -5.69 -4.65
C GLY A 171 14.34 -7.16 -4.73
N GLU A 172 15.33 -7.47 -5.59
CA GLU A 172 15.72 -8.87 -5.83
C GLU A 172 16.24 -9.54 -4.55
N ILE A 173 16.92 -8.82 -3.66
CA ILE A 173 17.45 -9.44 -2.46
C ILE A 173 16.33 -9.99 -1.57
N SER A 174 15.10 -9.49 -1.74
CA SER A 174 13.97 -10.01 -0.98
C SER A 174 13.76 -11.50 -1.20
N LYS A 175 14.21 -12.04 -2.33
CA LYS A 175 13.96 -13.45 -2.64
C LYS A 175 14.89 -14.38 -1.85
N LEU A 176 15.77 -13.80 -1.05
CA LEU A 176 16.55 -14.58 -0.09
C LEU A 176 15.66 -15.25 0.93
N PHE A 177 14.51 -14.65 1.24
CA PHE A 177 13.55 -15.21 2.18
C PHE A 177 12.66 -16.20 1.47
N GLU A 178 12.41 -17.33 2.13
CA GLU A 178 11.72 -18.42 1.46
C GLU A 178 10.23 -18.13 1.31
N ARG A 179 9.71 -18.30 0.10
CA ARG A 179 8.27 -18.15 -0.13
C ARG A 179 7.50 -19.12 0.75
N ASP A 180 6.42 -18.61 1.35
CA ASP A 180 5.58 -19.36 2.26
C ASP A 180 4.35 -19.80 1.45
N ALA A 181 4.40 -21.03 0.93
CA ALA A 181 3.36 -21.48 0.02
C ALA A 181 2.01 -21.52 0.70
N HIS A 182 1.97 -21.90 1.98
CA HIS A 182 0.68 -22.05 2.61
C HIS A 182 0.01 -20.70 2.84
N LYS A 183 0.78 -19.62 2.95
CA LYS A 183 0.21 -18.27 3.14
C LYS A 183 0.10 -17.52 1.82
N SER A 184 0.46 -18.15 0.70
CA SER A 184 0.48 -17.52 -0.63
C SER A 184 -0.39 -18.34 -1.56
N PRO A 185 -1.69 -18.02 -1.67
CA PRO A 185 -2.54 -18.74 -2.62
C PRO A 185 -2.25 -18.47 -4.08
N TYR A 186 -1.51 -17.42 -4.40
CA TYR A 186 -1.24 -17.06 -5.77
C TYR A 186 0.25 -17.22 -6.03
N ASP A 187 0.61 -17.74 -7.22
CA ASP A 187 2.00 -17.70 -7.68
C ASP A 187 2.18 -16.88 -8.97
N LYS A 188 1.13 -16.18 -9.40
CA LYS A 188 1.13 -15.36 -10.60
C LYS A 188 0.44 -14.03 -10.30
N PRO A 189 0.83 -12.96 -10.97
CA PRO A 189 0.10 -11.68 -10.82
C PRO A 189 -1.37 -11.87 -11.09
N GLN A 190 -2.19 -11.18 -10.30
CA GLN A 190 -3.62 -11.22 -10.50
C GLN A 190 -4.19 -9.95 -11.10
N ARG A 191 -3.40 -8.91 -11.25
CA ARG A 191 -3.82 -7.69 -11.91
C ARG A 191 -2.62 -7.07 -12.61
N ALA A 192 -2.90 -6.40 -13.73
CA ALA A 192 -1.93 -5.55 -14.41
C ALA A 192 -2.14 -4.14 -13.91
N LEU A 193 -1.06 -3.52 -13.45
CA LEU A 193 -1.12 -2.28 -12.70
C LEU A 193 -0.59 -1.12 -13.54
N ALA A 194 -1.13 0.06 -13.28
CA ALA A 194 -0.56 1.30 -13.76
C ALA A 194 -0.95 2.46 -12.84
N LEU A 195 -0.06 3.44 -12.76
CA LEU A 195 -0.29 4.69 -12.09
C LEU A 195 -0.11 5.85 -13.04
N THR A 196 -0.94 6.87 -12.89
CA THR A 196 -0.76 8.13 -13.60
C THR A 196 -1.06 9.27 -12.64
N TYR A 197 -0.04 10.06 -12.31
CA TYR A 197 -0.21 11.24 -11.49
C TYR A 197 -0.54 12.43 -12.37
N VAL A 198 -1.65 13.12 -12.07
CA VAL A 198 -2.10 14.22 -12.93
C VAL A 198 -2.45 15.46 -12.15
N LYS A 199 -2.25 16.60 -12.80
CA LYS A 199 -2.80 17.89 -12.40
C LYS A 199 -4.03 18.18 -13.24
N GLY A 200 -4.88 19.06 -12.73
CA GLY A 200 -6.00 19.59 -13.49
C GLY A 200 -7.28 18.79 -13.43
N MET A 201 -7.33 17.75 -12.60
CA MET A 201 -8.56 16.98 -12.47
C MET A 201 -9.55 17.80 -11.66
N ALA A 202 -10.82 17.74 -12.06
CA ALA A 202 -11.84 18.48 -11.33
C ALA A 202 -11.94 17.88 -9.93
N PRO A 203 -11.86 18.69 -8.88
CA PRO A 203 -11.96 18.14 -7.51
C PRO A 203 -13.30 17.48 -7.28
N ARG A 204 -13.27 16.41 -6.51
CA ARG A 204 -14.53 15.78 -6.13
C ARG A 204 -15.29 16.69 -5.16
N GLU A 205 -16.60 16.83 -5.40
CA GLU A 205 -17.44 17.56 -4.45
C GLU A 205 -18.53 16.61 -3.94
N PRO A 206 -18.98 16.78 -2.71
CA PRO A 206 -18.65 17.85 -1.76
C PRO A 206 -17.53 17.48 -0.79
N PHE A 207 -17.02 16.26 -0.90
CA PHE A 207 -15.84 15.81 -0.16
C PHE A 207 -14.99 14.93 -1.07
N SER A 208 -13.69 14.89 -0.77
CA SER A 208 -12.77 14.02 -1.49
C SER A 208 -12.98 12.58 -1.09
N ALA A 209 -12.60 11.66 -1.97
CA ALA A 209 -12.76 10.24 -1.73
C ALA A 209 -11.77 9.42 -2.56
N VAL A 210 -11.51 8.22 -2.09
CA VAL A 210 -11.02 7.19 -3.01
C VAL A 210 -12.22 6.79 -3.85
N CYS A 211 -12.24 7.22 -5.12
CA CYS A 211 -13.32 6.90 -6.06
C CYS A 211 -13.01 5.55 -6.68
N MET A 212 -13.71 4.50 -6.24
CA MET A 212 -13.44 3.15 -6.71
C MET A 212 -14.44 2.80 -7.80
N ASN A 213 -13.94 2.43 -8.95
CA ASN A 213 -14.76 2.04 -10.09
C ASN A 213 -14.49 0.57 -10.38
N LEU A 214 -15.47 -0.27 -10.14
CA LEU A 214 -15.33 -1.71 -10.31
C LEU A 214 -15.99 -2.08 -11.64
N ILE A 215 -15.19 -2.54 -12.59
CA ILE A 215 -15.65 -2.89 -13.94
C ILE A 215 -15.78 -4.44 -13.97
N PRO A 216 -16.99 -4.96 -13.98
CA PRO A 216 -17.12 -6.42 -13.77
C PRO A 216 -16.37 -7.19 -14.84
N GLY A 217 -15.57 -8.16 -14.39
CA GLY A 217 -14.78 -8.98 -15.26
C GLY A 217 -13.64 -8.30 -15.97
N VAL A 218 -13.41 -7.00 -15.73
CA VAL A 218 -12.40 -6.24 -16.46
C VAL A 218 -11.30 -5.72 -15.52
N GLY A 219 -11.68 -5.05 -14.44
CA GLY A 219 -10.68 -4.48 -13.54
C GLY A 219 -11.27 -3.33 -12.73
N GLU A 220 -10.36 -2.44 -12.28
CA GLU A 220 -10.72 -1.39 -11.35
C GLU A 220 -9.96 -0.11 -11.67
N TYR A 221 -10.66 1.02 -11.59
CA TYR A 221 -10.06 2.34 -11.64
C TYR A 221 -10.30 3.04 -10.31
N PHE A 222 -9.23 3.45 -9.64
CA PHE A 222 -9.29 4.21 -8.40
C PHE A 222 -8.66 5.58 -8.62
N VAL A 223 -9.20 6.62 -7.97
CA VAL A 223 -8.59 7.95 -8.10
C VAL A 223 -8.86 8.76 -6.84
N PHE A 224 -7.83 9.47 -6.38
CA PHE A 224 -7.93 10.29 -5.18
C PHE A 224 -6.83 11.34 -5.21
N PRO A 225 -7.02 12.45 -4.49
CA PRO A 225 -5.96 13.48 -4.42
C PRO A 225 -4.79 13.05 -3.53
N ALA A 226 -3.66 13.68 -3.80
CA ALA A 226 -2.38 13.32 -3.16
C ALA A 226 -1.45 14.50 -3.24
N LEU A 227 -0.25 14.34 -2.68
CA LEU A 227 0.78 15.35 -2.69
C LEU A 227 2.00 14.78 -3.41
N THR A 228 2.47 15.47 -4.44
CA THR A 228 3.72 15.03 -5.08
C THR A 228 4.73 16.18 -5.18
N THR A 229 5.81 15.96 -5.94
CA THR A 229 6.96 16.86 -5.88
C THR A 229 6.66 18.22 -6.51
N THR A 230 5.60 18.31 -7.33
CA THR A 230 5.15 19.59 -7.88
C THR A 230 3.85 20.09 -7.22
N GLY A 231 3.49 19.56 -6.04
CA GLY A 231 2.33 20.01 -5.31
C GLY A 231 1.16 19.05 -5.37
N PRO A 232 -0.01 19.52 -4.96
CA PRO A 232 -1.21 18.65 -4.94
C PRO A 232 -1.54 18.10 -6.32
N CYS A 233 -2.02 16.86 -6.34
CA CYS A 233 -2.41 16.24 -7.60
C CYS A 233 -3.52 15.26 -7.30
N GLU A 234 -3.90 14.49 -8.30
CA GLU A 234 -4.67 13.27 -8.11
C GLU A 234 -3.88 12.13 -8.73
N ILE A 235 -4.08 10.94 -8.18
CA ILE A 235 -3.42 9.74 -8.66
C ILE A 235 -4.48 8.85 -9.25
N MET A 236 -4.31 8.53 -10.53
CA MET A 236 -5.15 7.55 -11.21
C MET A 236 -4.49 6.20 -11.06
N VAL A 237 -5.25 5.22 -10.62
CA VAL A 237 -4.74 3.88 -10.37
C VAL A 237 -5.56 2.91 -11.19
N PHE A 238 -4.88 2.10 -11.99
CA PHE A 238 -5.53 1.17 -12.89
C PHE A 238 -5.11 -0.26 -12.54
N GLU A 239 -6.09 -1.14 -12.39
CA GLU A 239 -5.81 -2.55 -12.19
C GLU A 239 -6.66 -3.35 -13.17
N GLY A 240 -5.99 -4.20 -13.97
CA GLY A 240 -6.71 -4.97 -14.96
C GLY A 240 -6.58 -6.47 -14.82
N VAL A 241 -7.69 -7.18 -14.93
CA VAL A 241 -7.68 -8.65 -14.98
C VAL A 241 -6.70 -8.99 -16.11
N PRO A 242 -5.72 -9.87 -15.88
CA PRO A 242 -4.70 -10.09 -16.93
C PRO A 242 -5.34 -10.61 -18.22
N GLY A 243 -4.82 -10.11 -19.35
CA GLY A 243 -5.39 -10.45 -20.64
C GLY A 243 -6.72 -9.81 -20.96
N GLY A 244 -7.28 -9.04 -20.02
CA GLY A 244 -8.53 -8.36 -20.23
C GLY A 244 -8.34 -7.01 -20.88
N PRO A 245 -9.45 -6.29 -21.04
CA PRO A 245 -9.40 -4.98 -21.72
C PRO A 245 -8.53 -3.95 -21.02
N MET A 246 -8.31 -4.05 -19.69
CA MET A 246 -7.48 -3.11 -18.94
C MET A 246 -6.07 -3.63 -18.70
N ASP A 247 -5.72 -4.79 -19.27
CA ASP A 247 -4.33 -5.23 -19.33
C ASP A 247 -3.76 -4.64 -20.62
N CYS A 248 -3.54 -3.33 -20.58
CA CYS A 248 -3.40 -2.55 -21.80
C CYS A 248 -2.24 -1.58 -21.74
N TRP A 249 -1.12 -1.96 -21.10
CA TRP A 249 0.04 -1.08 -21.03
C TRP A 249 1.28 -1.56 -21.79
N ALA A 250 1.20 -2.72 -22.46
CA ALA A 250 2.40 -3.25 -23.12
C ALA A 250 2.87 -2.32 -24.24
N ASP A 251 1.94 -1.78 -25.02
CA ASP A 251 2.32 -0.97 -26.17
C ASP A 251 2.54 0.49 -25.82
N VAL A 252 2.48 0.85 -24.56
CA VAL A 252 2.65 2.24 -24.12
C VAL A 252 4.13 2.46 -23.88
N LYS A 253 4.72 3.43 -24.57
CA LYS A 253 6.16 3.61 -24.52
C LYS A 253 6.63 5.03 -24.25
N THR A 254 5.72 6.01 -24.15
CA THR A 254 6.08 7.38 -23.84
C THR A 254 5.11 7.91 -22.79
N PRO A 255 5.48 8.99 -22.09
CA PRO A 255 4.53 9.58 -21.11
C PRO A 255 3.26 10.06 -21.78
N GLU A 256 3.39 10.63 -22.98
CA GLU A 256 2.23 11.06 -23.72
C GLU A 256 1.32 9.89 -24.05
N GLU A 257 1.90 8.76 -24.48
CA GLU A 257 1.06 7.61 -24.74
C GLU A 257 0.40 7.11 -23.46
N HIS A 258 1.09 7.25 -22.33
CA HIS A 258 0.56 6.78 -21.05
C HIS A 258 -0.63 7.63 -20.62
N LEU A 259 -0.50 8.97 -20.71
CA LEU A 259 -1.65 9.83 -20.45
C LEU A 259 -2.81 9.45 -21.35
N ALA A 260 -2.53 9.22 -22.63
CA ALA A 260 -3.59 8.94 -23.58
C ALA A 260 -4.30 7.64 -23.24
N ARG A 261 -3.53 6.59 -22.94
CA ARG A 261 -4.13 5.31 -22.57
C ARG A 261 -4.94 5.42 -21.28
N SER A 262 -4.50 6.28 -20.36
CA SER A 262 -5.25 6.55 -19.14
C SER A 262 -6.63 7.12 -19.45
N LYS A 263 -6.67 8.18 -20.25
CA LYS A 263 -7.96 8.74 -20.65
C LYS A 263 -8.80 7.73 -21.44
N TRP A 264 -8.16 6.89 -22.25
CA TRP A 264 -8.90 5.93 -23.04
C TRP A 264 -9.66 4.96 -22.14
N ILE A 265 -9.01 4.47 -21.08
CA ILE A 265 -9.72 3.60 -20.13
C ILE A 265 -10.95 4.30 -19.57
N LEU A 266 -10.80 5.57 -19.19
CA LEU A 266 -11.92 6.30 -18.62
C LEU A 266 -13.02 6.51 -19.66
N ASP A 267 -12.65 6.94 -20.87
CA ASP A 267 -13.63 7.07 -21.95
C ASP A 267 -14.35 5.75 -22.20
N THR A 268 -13.63 4.62 -22.14
CA THR A 268 -14.20 3.35 -22.55
C THR A 268 -15.06 2.73 -21.45
N PHE A 269 -14.65 2.87 -20.18
CA PHE A 269 -15.29 2.13 -19.10
C PHE A 269 -15.92 3.00 -18.02
N THR A 270 -15.47 4.22 -17.81
CA THR A 270 -16.01 5.07 -16.74
C THR A 270 -16.23 6.50 -17.23
N PRO A 271 -17.19 6.72 -18.14
CA PRO A 271 -17.36 8.07 -18.71
C PRO A 271 -17.69 9.12 -17.67
N TRP A 272 -18.31 8.74 -16.56
CA TRP A 272 -18.55 9.70 -15.47
C TRP A 272 -17.26 10.26 -14.89
N GLU A 273 -16.18 9.46 -14.87
CA GLU A 273 -14.90 10.00 -14.42
C GLU A 273 -14.22 10.79 -15.52
N ALA A 274 -14.42 10.40 -16.77
CA ALA A 274 -13.85 11.16 -17.89
C ALA A 274 -14.29 12.61 -17.85
N GLU A 275 -15.53 12.87 -17.40
CA GLU A 275 -16.02 14.24 -17.28
C GLU A 275 -15.12 15.11 -16.40
N ARG A 276 -14.44 14.51 -15.41
CA ARG A 276 -13.54 15.26 -14.55
C ARG A 276 -12.16 15.49 -15.16
N CYS A 277 -11.86 14.83 -16.29
CA CYS A 277 -10.49 14.74 -16.80
C CYS A 277 -10.31 15.43 -18.15
N LYS A 278 -11.17 16.40 -18.48
CA LYS A 278 -11.04 17.09 -19.76
C LYS A 278 -9.70 17.79 -19.88
N ASP A 279 -9.18 18.33 -18.77
CA ASP A 279 -7.95 19.13 -18.84
C ASP A 279 -6.77 18.52 -18.07
N ILE A 280 -6.71 17.21 -17.90
CA ILE A 280 -5.64 16.67 -17.07
C ILE A 280 -4.33 16.66 -17.84
N GLU A 281 -3.23 16.90 -17.12
CA GLU A 281 -1.87 16.76 -17.62
C GLU A 281 -1.08 15.94 -16.59
N LEU A 282 -0.02 15.26 -17.04
CA LEU A 282 0.89 14.61 -16.08
C LEU A 282 1.48 15.65 -15.14
N THR A 283 1.68 15.26 -13.88
CA THR A 283 2.43 16.13 -12.96
C THR A 283 3.87 16.29 -13.43
N ASP A 284 4.42 15.25 -14.04
CA ASP A 284 5.78 15.20 -14.55
C ASP A 284 5.87 13.91 -15.35
N ASP A 285 6.87 13.85 -16.24
CA ASP A 285 7.00 12.69 -17.13
C ASP A 285 7.27 11.41 -16.35
N ASN A 286 7.76 11.51 -15.12
CA ASN A 286 8.01 10.34 -14.29
C ASN A 286 6.87 9.99 -13.31
N GLY A 287 5.74 10.67 -13.42
CA GLY A 287 4.58 10.33 -12.63
C GLY A 287 3.74 9.24 -13.24
N ILE A 288 4.40 8.23 -13.79
CA ILE A 288 3.71 7.12 -14.43
C ILE A 288 4.38 5.81 -14.04
N LEU A 289 3.61 4.73 -14.09
CA LEU A 289 4.17 3.45 -13.76
C LEU A 289 3.29 2.38 -14.38
N ALA A 290 3.91 1.26 -14.73
CA ALA A 290 3.17 0.10 -15.17
C ALA A 290 3.95 -1.12 -14.72
N GLY A 291 3.24 -2.17 -14.33
CA GLY A 291 3.90 -3.31 -13.75
C GLY A 291 2.90 -4.27 -13.15
N ARG A 292 3.43 -5.37 -12.63
CA ARG A 292 2.59 -6.39 -12.02
C ARG A 292 3.44 -7.32 -11.17
N PHE A 293 2.82 -7.93 -10.16
CA PHE A 293 3.55 -8.88 -9.34
C PHE A 293 2.58 -9.85 -8.69
N ALA A 294 3.10 -11.03 -8.34
CA ALA A 294 2.29 -12.02 -7.65
C ALA A 294 2.24 -11.69 -6.15
N PRO A 295 1.05 -11.64 -5.55
CA PRO A 295 1.00 -11.54 -4.10
C PRO A 295 1.83 -12.66 -3.49
N THR A 296 2.64 -12.33 -2.49
CA THR A 296 3.58 -13.32 -1.96
C THR A 296 3.81 -13.07 -0.47
N VAL A 297 3.76 -14.15 0.33
CA VAL A 297 4.15 -14.12 1.74
C VAL A 297 5.38 -15.00 1.90
N ARG A 298 6.33 -14.52 2.67
CA ARG A 298 7.59 -15.22 2.86
C ARG A 298 7.81 -15.53 4.33
N LYS A 299 8.75 -16.47 4.58
CA LYS A 299 9.15 -16.77 5.94
C LYS A 299 10.09 -15.68 6.44
N PRO A 300 9.90 -15.20 7.67
CA PRO A 300 10.60 -13.97 8.08
C PRO A 300 12.08 -14.11 8.42
N VAL A 301 12.58 -15.31 8.72
CA VAL A 301 13.98 -15.51 9.08
C VAL A 301 14.72 -16.11 7.88
N ALA A 302 15.74 -15.41 7.40
CA ALA A 302 16.62 -15.96 6.37
C ALA A 302 17.97 -16.29 6.99
N THR A 303 18.52 -17.44 6.58
CA THR A 303 19.80 -17.90 7.06
C THR A 303 20.85 -17.68 5.98
N LEU A 304 21.89 -16.93 6.30
CA LEU A 304 22.95 -16.62 5.37
C LEU A 304 23.92 -17.80 5.28
N PRO A 305 24.79 -17.83 4.28
CA PRO A 305 25.72 -18.97 4.18
C PRO A 305 26.51 -19.21 5.45
N SER A 306 26.86 -18.16 6.19
CA SER A 306 27.61 -18.34 7.42
C SER A 306 26.79 -18.94 8.56
N GLY A 307 25.48 -19.11 8.37
CA GLY A 307 24.59 -19.51 9.43
C GLY A 307 24.02 -18.37 10.25
N ARG A 308 24.50 -17.16 10.04
CA ARG A 308 23.91 -15.99 10.68
C ARG A 308 22.55 -15.69 10.07
N LYS A 309 21.74 -14.94 10.79
CA LYS A 309 20.33 -14.79 10.47
C LYS A 309 19.96 -13.32 10.28
N VAL A 310 19.01 -13.09 9.36
CA VAL A 310 18.42 -11.79 9.13
C VAL A 310 16.89 -11.87 9.15
N LEU A 311 16.27 -10.73 9.48
CA LEU A 311 14.83 -10.61 9.65
C LEU A 311 14.21 -9.74 8.56
N GLY A 312 13.19 -10.26 7.91
CA GLY A 312 12.50 -9.53 6.87
C GLY A 312 11.41 -8.63 7.42
N LEU A 313 11.25 -7.46 6.76
CA LEU A 313 10.34 -6.40 7.18
C LEU A 313 9.39 -6.00 6.05
N ALA A 314 8.09 -5.90 6.38
CA ALA A 314 7.06 -5.33 5.53
C ALA A 314 6.98 -6.06 4.20
N ASP A 315 7.12 -5.38 3.05
CA ASP A 315 6.85 -6.05 1.78
C ASP A 315 7.79 -7.23 1.52
N VAL A 316 8.94 -7.28 2.17
CA VAL A 316 9.83 -8.44 2.02
C VAL A 316 9.12 -9.72 2.44
N VAL A 317 8.27 -9.64 3.46
CA VAL A 317 7.62 -10.82 4.01
C VAL A 317 6.12 -10.89 3.75
N VAL A 318 5.44 -9.75 3.55
CA VAL A 318 4.01 -9.78 3.20
C VAL A 318 3.82 -8.76 2.08
N LEU A 319 3.64 -9.25 0.85
CA LEU A 319 3.46 -8.45 -0.36
C LEU A 319 2.07 -8.70 -0.94
N ASN A 320 1.25 -7.67 -0.95
CA ASN A 320 -0.12 -7.79 -1.44
C ASN A 320 -0.27 -6.97 -2.72
N ASP A 321 -1.18 -7.41 -3.57
CA ASP A 321 -1.60 -6.57 -4.69
C ASP A 321 -2.18 -5.26 -4.15
N PRO A 322 -1.96 -4.13 -4.82
CA PRO A 322 -2.44 -2.85 -4.29
C PRO A 322 -3.95 -2.62 -4.41
N ILE A 323 -4.73 -3.61 -4.84
CA ILE A 323 -6.16 -3.38 -5.06
C ILE A 323 -6.86 -2.84 -3.80
N THR A 324 -6.37 -3.16 -2.61
CA THR A 324 -7.01 -2.70 -1.39
C THR A 324 -6.31 -1.52 -0.73
N GLY A 325 -5.21 -1.06 -1.32
CA GLY A 325 -4.45 0.10 -0.88
C GLY A 325 -3.89 -0.07 0.52
N GLN A 326 -3.24 -1.19 0.76
CA GLN A 326 -2.82 -1.56 2.08
C GLN A 326 -1.32 -1.67 2.24
N GLY A 327 -0.54 -1.59 1.16
CA GLY A 327 0.89 -1.84 1.29
C GLY A 327 1.62 -0.86 2.19
N SER A 328 1.40 0.44 1.99
CA SER A 328 2.04 1.42 2.86
C SER A 328 1.45 1.43 4.26
N ASN A 329 0.15 1.11 4.39
CA ASN A 329 -0.44 0.95 5.71
C ASN A 329 0.22 -0.21 6.44
N ASN A 330 0.40 -1.35 5.73
CA ASN A 330 1.06 -2.51 6.29
C ASN A 330 2.48 -2.17 6.70
N ALA A 331 3.15 -1.35 5.90
CA ALA A 331 4.53 -0.97 6.17
C ALA A 331 4.65 -0.16 7.45
N ALA A 332 3.73 0.77 7.67
CA ALA A 332 3.73 1.57 8.89
C ALA A 332 3.41 0.70 10.11
N LYS A 333 2.41 -0.14 9.97
CA LYS A 333 1.98 -0.96 11.08
C LYS A 333 2.98 -2.06 11.38
N CYS A 334 3.59 -2.62 10.33
CA CYS A 334 4.65 -3.63 10.51
C CYS A 334 5.85 -3.03 11.20
N ALA A 335 6.30 -1.86 10.76
CA ALA A 335 7.44 -1.21 11.37
C ALA A 335 7.16 -0.84 12.81
N ASP A 336 5.93 -0.44 13.10
CA ASP A 336 5.54 -0.12 14.48
C ASP A 336 5.61 -1.36 15.38
N THR A 337 5.06 -2.47 14.92
CA THR A 337 5.14 -3.72 15.67
C THR A 337 6.58 -4.17 15.87
N TYR A 338 7.44 -4.10 14.84
CA TYR A 338 8.84 -4.48 14.99
C TYR A 338 9.57 -3.52 15.94
N LEU A 339 9.32 -2.22 15.82
CA LEU A 339 9.93 -1.28 16.75
C LEU A 339 9.53 -1.63 18.20
N LYS A 340 8.23 -1.84 18.45
CA LYS A 340 7.80 -2.19 19.80
C LYS A 340 8.50 -3.45 20.29
N SER A 341 8.66 -4.44 19.40
CA SER A 341 9.29 -5.68 19.79
C SER A 341 10.76 -5.50 20.11
N ILE A 342 11.46 -4.68 19.34
CA ILE A 342 12.86 -4.41 19.63
C ILE A 342 12.99 -3.71 20.99
N LEU A 343 12.17 -2.68 21.22
CA LEU A 343 12.28 -1.93 22.47
C LEU A 343 11.99 -2.83 23.67
N ALA A 344 10.98 -3.72 23.57
CA ALA A 344 10.65 -4.62 24.68
C ALA A 344 11.72 -5.67 24.91
N ARG A 345 12.46 -6.03 23.87
CA ARG A 345 13.51 -7.06 23.98
C ARG A 345 14.66 -6.58 24.86
N GLY A 346 15.00 -5.30 24.82
CA GLY A 346 16.14 -4.80 25.55
C GLY A 346 17.43 -5.53 25.21
N ASP A 347 18.12 -6.01 26.26
CA ASP A 347 19.37 -6.75 26.15
C ASP A 347 19.15 -8.17 25.66
N GLY A 348 17.90 -8.60 25.53
CA GLY A 348 17.63 -9.97 25.12
C GLY A 348 18.21 -10.28 23.75
N ALA A 349 18.52 -11.56 23.56
CA ALA A 349 19.12 -11.98 22.30
C ALA A 349 18.16 -11.72 21.14
N ALA A 350 18.69 -11.19 20.04
CA ALA A 350 17.91 -11.07 18.81
C ALA A 350 18.13 -12.33 17.95
N ASP A 351 17.58 -13.42 18.44
CA ASP A 351 17.79 -14.72 17.81
C ASP A 351 16.60 -15.06 16.90
N ALA A 352 16.73 -16.18 16.18
CA ALA A 352 15.70 -16.55 15.22
C ALA A 352 14.33 -16.66 15.89
N ALA A 353 14.30 -17.17 17.13
CA ALA A 353 13.02 -17.31 17.84
C ALA A 353 12.37 -15.95 18.02
N TRP A 354 13.14 -14.98 18.49
CA TRP A 354 12.59 -13.63 18.68
C TRP A 354 12.17 -13.01 17.35
N MET A 355 12.98 -13.21 16.31
CA MET A 355 12.61 -12.75 14.97
C MET A 355 11.28 -13.33 14.54
N GLN A 356 11.17 -14.66 14.56
CA GLN A 356 9.94 -15.32 14.17
C GLN A 356 8.75 -14.82 14.97
N GLN A 357 8.92 -14.66 16.30
CA GLN A 357 7.79 -14.25 17.13
C GLN A 357 7.33 -12.85 16.78
N THR A 358 8.27 -11.98 16.43
CA THR A 358 7.96 -10.62 16.04
C THR A 358 7.11 -10.60 14.77
N PHE A 359 7.51 -11.36 13.77
CA PHE A 359 6.70 -11.50 12.58
C PHE A 359 5.35 -12.14 12.88
N ASP A 360 5.34 -13.21 13.70
CA ASP A 360 4.10 -13.90 13.99
C ASP A 360 3.03 -12.96 14.58
N ARG A 361 3.44 -12.09 15.50
CA ARG A 361 2.50 -11.14 16.06
C ARG A 361 1.91 -10.25 14.97
N TYR A 362 2.75 -9.80 14.06
CA TYR A 362 2.28 -9.00 12.93
C TYR A 362 1.35 -9.82 12.05
N TRP A 363 1.76 -11.04 11.70
CA TRP A 363 0.99 -11.85 10.75
C TRP A 363 -0.33 -12.34 11.35
N PHE A 364 -0.26 -13.08 12.48
CA PHE A 364 -1.51 -13.63 13.05
C PHE A 364 -2.38 -12.54 13.65
N GLY A 365 -1.76 -11.48 14.18
CA GLY A 365 -2.50 -10.42 14.80
C GLY A 365 -3.18 -9.49 13.81
N TYR A 366 -2.63 -9.37 12.60
CA TYR A 366 -3.11 -8.31 11.72
C TYR A 366 -3.03 -8.68 10.24
N ALA A 367 -1.83 -8.91 9.73
CA ALA A 367 -1.63 -8.95 8.29
C ALA A 367 -2.27 -10.17 7.64
N GLN A 368 -2.54 -11.25 8.39
CA GLN A 368 -3.22 -12.38 7.78
C GLN A 368 -4.60 -11.97 7.31
N TRP A 369 -5.22 -11.04 8.03
CA TRP A 369 -6.58 -10.66 7.66
C TRP A 369 -6.56 -9.65 6.51
N VAL A 370 -5.61 -8.71 6.52
CA VAL A 370 -5.44 -7.86 5.35
C VAL A 370 -5.21 -8.70 4.10
N THR A 371 -4.37 -9.72 4.22
CA THR A 371 -3.97 -10.52 3.08
C THR A 371 -5.13 -11.37 2.57
N GLN A 372 -5.84 -12.04 3.47
CA GLN A 372 -6.97 -12.88 3.07
C GLN A 372 -8.03 -12.04 2.36
N TRP A 373 -8.37 -10.88 2.94
CA TRP A 373 -9.32 -9.96 2.32
C TRP A 373 -8.88 -9.54 0.93
N THR A 374 -7.64 -9.07 0.80
CA THR A 374 -7.13 -8.64 -0.49
C THR A 374 -7.14 -9.78 -1.50
N ASN A 375 -6.73 -10.97 -1.08
CA ASN A 375 -6.64 -12.08 -2.03
C ASN A 375 -8.03 -12.53 -2.46
N MET A 376 -9.03 -12.36 -1.61
CA MET A 376 -10.41 -12.63 -2.00
C MET A 376 -10.90 -11.60 -3.02
N LEU A 377 -10.53 -10.33 -2.84
CA LEU A 377 -11.02 -9.29 -3.73
C LEU A 377 -10.41 -9.42 -5.11
N LEU A 378 -9.24 -10.02 -5.23
CA LEU A 378 -8.62 -10.21 -6.54
C LEU A 378 -9.38 -11.22 -7.39
N ALA A 379 -10.05 -12.18 -6.75
CA ALA A 379 -10.84 -13.17 -7.45
C ALA A 379 -12.22 -12.61 -7.80
N PRO A 380 -12.91 -13.24 -8.74
CA PRO A 380 -14.26 -12.76 -9.10
C PRO A 380 -15.16 -12.75 -7.87
N PRO A 381 -15.97 -11.70 -7.70
CA PRO A 381 -16.78 -11.59 -6.48
C PRO A 381 -17.94 -12.55 -6.50
N PRO A 382 -18.17 -13.29 -5.43
CA PRO A 382 -19.32 -14.19 -5.39
C PRO A 382 -20.60 -13.42 -5.17
N PRO A 383 -21.76 -14.09 -5.28
CA PRO A 383 -23.02 -13.33 -5.25
C PRO A 383 -23.26 -12.57 -3.96
N HIS A 384 -22.87 -13.12 -2.80
CA HIS A 384 -23.12 -12.38 -1.56
C HIS A 384 -22.29 -11.11 -1.51
N VAL A 385 -21.13 -11.08 -2.18
CA VAL A 385 -20.32 -9.86 -2.19
C VAL A 385 -20.99 -8.81 -3.06
N LEU A 386 -21.45 -9.20 -4.25
CA LEU A 386 -22.19 -8.25 -5.08
C LEU A 386 -23.43 -7.74 -4.36
N ASN A 387 -24.08 -8.59 -3.56
CA ASN A 387 -25.22 -8.14 -2.77
C ASN A 387 -24.81 -7.14 -1.69
N LEU A 388 -23.69 -7.36 -1.02
CA LEU A 388 -23.19 -6.37 -0.06
C LEU A 388 -22.93 -5.03 -0.73
N LEU A 389 -22.22 -5.04 -1.86
CA LEU A 389 -21.87 -3.79 -2.53
C LEU A 389 -23.11 -3.03 -2.98
N GLY A 390 -24.17 -3.75 -3.36
CA GLY A 390 -25.41 -3.10 -3.74
C GLY A 390 -26.16 -2.57 -2.53
N SER A 391 -26.24 -3.40 -1.48
CA SER A 391 -26.96 -2.98 -0.30
C SER A 391 -26.33 -1.75 0.33
N ALA A 392 -25.01 -1.60 0.21
CA ALA A 392 -24.33 -0.45 0.80
C ALA A 392 -24.83 0.87 0.23
N GLY A 393 -25.28 0.85 -1.02
CA GLY A 393 -25.85 2.04 -1.60
C GLY A 393 -27.19 2.45 -0.99
N ALA A 394 -27.87 1.53 -0.34
CA ALA A 394 -29.16 1.82 0.28
C ALA A 394 -29.15 1.72 1.80
N VAL A 395 -28.00 1.38 2.40
CA VAL A 395 -27.89 1.15 3.85
C VAL A 395 -26.62 1.87 4.30
N PRO A 396 -26.68 3.15 4.67
CA PRO A 396 -25.47 3.95 4.86
C PRO A 396 -24.54 3.38 5.91
N PRO A 397 -25.04 2.73 6.97
CA PRO A 397 -24.10 2.19 7.94
C PRO A 397 -23.25 1.08 7.36
N LEU A 398 -23.77 0.32 6.40
CA LEU A 398 -22.96 -0.68 5.73
C LEU A 398 -21.91 -0.03 4.85
N ALA A 399 -22.29 1.04 4.17
CA ALA A 399 -21.29 1.79 3.40
C ALA A 399 -20.20 2.32 4.30
N SER A 400 -20.55 2.79 5.51
CA SER A 400 -19.53 3.30 6.41
C SER A 400 -18.58 2.20 6.85
N ALA A 401 -19.13 1.04 7.18
CA ALA A 401 -18.30 -0.11 7.51
C ALA A 401 -17.32 -0.41 6.42
N PHE A 402 -17.78 -0.40 5.16
CA PHE A 402 -16.88 -0.61 4.04
C PHE A 402 -15.78 0.43 4.03
N ALA A 403 -16.16 1.70 4.12
CA ALA A 403 -15.17 2.78 4.03
C ALA A 403 -14.15 2.65 5.15
N ASN A 404 -14.62 2.55 6.39
CA ASN A 404 -13.70 2.53 7.51
C ASN A 404 -13.01 1.20 7.72
N GLY A 405 -13.51 0.13 7.12
CA GLY A 405 -12.74 -1.10 7.10
C GLY A 405 -11.39 -0.97 6.45
N PHE A 406 -11.23 0.01 5.54
CA PHE A 406 -9.92 0.22 4.95
C PHE A 406 -8.90 0.64 5.97
N ASP A 407 -9.34 1.18 7.11
CA ASP A 407 -8.42 1.55 8.18
C ASP A 407 -8.04 0.36 9.05
N ASP A 408 -8.83 -0.70 9.05
CA ASP A 408 -8.52 -1.90 9.80
C ASP A 408 -9.28 -3.05 9.18
N PRO A 409 -8.70 -3.72 8.19
CA PRO A 409 -9.44 -4.76 7.46
C PRO A 409 -9.85 -5.95 8.32
N ARG A 410 -9.36 -6.06 9.55
CA ARG A 410 -9.92 -7.11 10.41
C ARG A 410 -11.42 -6.95 10.56
N THR A 411 -11.91 -5.71 10.49
CA THR A 411 -13.33 -5.46 10.71
C THR A 411 -14.21 -5.99 9.60
N PHE A 412 -13.67 -6.55 8.51
CA PHE A 412 -14.50 -7.19 7.48
C PHE A 412 -14.88 -8.61 7.83
N PHE A 413 -14.27 -9.21 8.85
CA PHE A 413 -14.41 -10.63 9.12
C PHE A 413 -15.42 -10.82 10.24
N PRO A 414 -16.33 -11.81 10.16
CA PRO A 414 -16.50 -12.86 9.13
C PRO A 414 -17.54 -12.52 8.04
N TRP A 415 -18.10 -11.31 8.08
CA TRP A 415 -19.27 -11.03 7.26
C TRP A 415 -18.95 -10.77 5.79
N PHE A 416 -17.74 -10.35 5.46
CA PHE A 416 -17.42 -10.13 4.04
C PHE A 416 -17.28 -11.46 3.30
N ALA A 417 -16.73 -12.48 3.95
CA ALA A 417 -16.32 -13.69 3.25
C ALA A 417 -17.37 -14.79 3.24
N ASP A 418 -18.35 -14.71 4.13
CA ASP A 418 -19.37 -15.73 4.23
C ASP A 418 -20.77 -15.19 3.93
N ALA A 419 -21.52 -15.91 3.11
CA ALA A 419 -22.85 -15.45 2.70
C ALA A 419 -23.78 -15.25 3.88
N ALA A 420 -23.90 -16.25 4.75
CA ALA A 420 -24.88 -16.14 5.83
C ALA A 420 -24.55 -15.00 6.77
N GLU A 421 -23.26 -14.82 7.06
CA GLU A 421 -22.84 -13.73 7.95
C GLU A 421 -23.02 -12.39 7.27
N SER A 422 -22.79 -12.32 5.95
CA SER A 422 -23.01 -11.06 5.26
C SER A 422 -24.46 -10.63 5.40
N GLU A 423 -25.38 -11.60 5.36
CA GLU A 423 -26.79 -11.22 5.48
C GLU A 423 -27.10 -10.75 6.89
N ARG A 424 -26.48 -11.38 7.89
CA ARG A 424 -26.68 -10.91 9.25
C ARG A 424 -26.15 -9.49 9.41
N TYR A 425 -25.01 -9.19 8.80
CA TYR A 425 -24.45 -7.86 9.00
C TYR A 425 -25.28 -6.80 8.27
N ILE A 426 -25.73 -7.09 7.05
CA ILE A 426 -26.65 -6.17 6.38
C ILE A 426 -27.83 -5.85 7.31
N ALA A 427 -28.38 -6.87 7.97
CA ALA A 427 -29.54 -6.65 8.84
C ALA A 427 -29.17 -5.79 10.05
N THR A 428 -28.02 -6.05 10.66
CA THR A 428 -27.56 -5.16 11.74
C THR A 428 -27.46 -3.73 11.25
N CYS A 429 -26.90 -3.54 10.06
CA CYS A 429 -26.72 -2.20 9.53
C CYS A 429 -28.07 -1.54 9.23
N ALA A 430 -28.99 -2.31 8.65
CA ALA A 430 -30.29 -1.74 8.29
C ALA A 430 -31.04 -1.28 9.52
N ALA A 431 -30.93 -2.03 10.61
CA ALA A 431 -31.65 -1.71 11.84
C ALA A 431 -31.26 -0.40 12.47
N VAL A 432 -30.09 0.19 12.16
CA VAL A 432 -29.68 1.45 12.75
C VAL A 432 -29.57 2.57 11.71
N ALA A 433 -29.99 2.32 10.48
CA ALA A 433 -29.89 3.33 9.42
C ALA A 433 -30.85 4.48 9.67
#